data_3WYD
#
_entry.id   3WYD
#
_cell.length_a   45.861
_cell.length_b   55.446
_cell.length_c   156.275
_cell.angle_alpha   90.00
_cell.angle_beta   90.00
_cell.angle_gamma   90.00
#
_symmetry.space_group_name_H-M   'P 21 21 21'
#
loop_
_entity.id
_entity.type
_entity.pdbx_description
1 polymer LC-Est1C
2 water water
#
_entity_poly.entity_id   1
_entity_poly.type   'polypeptide(L)'
_entity_poly.pdbx_seq_one_letter_code
;MGSSHHHHHHSSGLVPRGSHMPYRLYVPTTYDGTKAFPLVIALHGMGGDENSYFDSYQRGAFMIEAENRGYIVACPKGRQ
PASMYVGPAERDVMDVIAEVRRDYKIDPDRIYMTGHSMGGYGTWSIAMNHPDVFAALAPVAGGGNPLGMANIAHIPQLVV
HGDNDKTVPVERSRVMVEAAKKHGTEIKYIEIPGGDHVSVAARTFKDVFDWFDSHKRKRPAAKAATNK
;
_entity_poly.pdbx_strand_id   A,B
#
# COMPACT_ATOMS: atom_id res chain seq x y z
N PRO A 22 14.05 -5.63 -10.13
CA PRO A 22 14.55 -6.90 -9.60
C PRO A 22 13.42 -7.82 -9.14
N TYR A 23 13.63 -9.10 -9.30
CA TYR A 23 12.64 -10.06 -8.85
C TYR A 23 13.34 -11.31 -8.39
N ARG A 24 12.63 -12.16 -7.64
CA ARG A 24 13.13 -13.47 -7.25
C ARG A 24 12.36 -14.53 -8.00
N LEU A 25 13.02 -15.63 -8.28
CA LEU A 25 12.44 -16.71 -9.03
C LEU A 25 12.58 -18.03 -8.26
N TYR A 26 11.50 -18.79 -8.16
CA TYR A 26 11.59 -20.20 -7.75
C TYR A 26 11.34 -21.11 -8.93
N VAL A 27 12.24 -22.08 -9.15
CA VAL A 27 12.11 -23.05 -10.27
C VAL A 27 12.11 -24.48 -9.70
N PRO A 28 11.00 -25.22 -9.89
CA PRO A 28 10.92 -26.57 -9.28
C PRO A 28 12.02 -27.50 -9.76
N THR A 29 12.39 -28.42 -8.90
CA THR A 29 13.43 -29.39 -9.25
C THR A 29 13.05 -30.19 -10.49
N THR A 30 11.75 -30.32 -10.75
CA THR A 30 11.22 -31.13 -11.86
C THR A 30 11.26 -30.43 -13.23
N TYR A 31 11.52 -29.12 -13.24
CA TYR A 31 11.63 -28.37 -14.50
C TYR A 31 12.95 -28.68 -15.20
N ASP A 32 12.89 -29.10 -16.46
CA ASP A 32 14.12 -29.33 -17.21
C ASP A 32 14.19 -28.62 -18.56
N GLY A 33 13.27 -27.70 -18.80
CA GLY A 33 13.23 -26.98 -20.07
C GLY A 33 12.62 -27.74 -21.23
N THR A 34 12.11 -28.95 -20.98
CA THR A 34 11.50 -29.79 -22.04
C THR A 34 9.98 -29.65 -22.12
N LYS A 35 9.35 -29.14 -21.06
CA LYS A 35 7.88 -29.13 -20.95
C LYS A 35 7.48 -27.77 -20.38
N ALA A 36 6.43 -27.18 -20.94
CA ALA A 36 5.87 -25.95 -20.41
C ALA A 36 5.37 -26.16 -18.98
N PHE A 37 5.67 -25.16 -18.13
CA PHE A 37 5.27 -25.14 -16.74
C PHE A 37 4.30 -23.98 -16.47
N PRO A 38 3.46 -24.14 -15.44
CA PRO A 38 2.64 -23.00 -14.97
C PRO A 38 3.51 -22.01 -14.18
N LEU A 39 3.06 -20.76 -14.17
CA LEU A 39 3.79 -19.69 -13.58
C LEU A 39 2.86 -19.01 -12.58
N VAL A 40 3.35 -18.75 -11.37
CA VAL A 40 2.62 -17.88 -10.43
C VAL A 40 3.39 -16.62 -10.16
N ILE A 41 2.73 -15.48 -10.30
CA ILE A 41 3.30 -14.21 -9.89
C ILE A 41 2.74 -13.94 -8.49
N ALA A 42 3.63 -13.74 -7.50
CA ALA A 42 3.23 -13.52 -6.12
C ALA A 42 3.69 -12.13 -5.72
N LEU A 43 2.76 -11.26 -5.33
CA LEU A 43 3.01 -9.85 -5.01
C LEU A 43 3.00 -9.61 -3.51
N HIS A 44 4.13 -9.14 -2.98
CA HIS A 44 4.30 -8.82 -1.57
C HIS A 44 3.48 -7.66 -1.05
N GLY A 45 3.43 -7.59 0.28
CA GLY A 45 2.77 -6.47 0.96
C GLY A 45 3.58 -5.18 1.02
N MET A 46 3.04 -4.20 1.73
CA MET A 46 3.62 -2.88 1.73
C MET A 46 5.00 -2.87 2.41
N GLY A 47 5.16 -3.66 3.48
CA GLY A 47 6.48 -3.74 4.16
C GLY A 47 7.55 -4.59 3.47
N GLY A 48 7.15 -5.31 2.43
CA GLY A 48 7.95 -6.44 1.97
C GLY A 48 8.80 -6.11 0.76
N ASP A 49 9.34 -7.14 0.12
CA ASP A 49 10.13 -7.00 -1.08
C ASP A 49 10.13 -8.33 -1.82
N GLU A 50 10.99 -8.43 -2.83
CA GLU A 50 11.06 -9.60 -3.70
C GLU A 50 11.45 -10.86 -2.93
N ASN A 51 11.99 -10.74 -1.70
CA ASN A 51 12.26 -11.91 -0.87
C ASN A 51 11.15 -12.38 0.08
N SER A 52 10.10 -11.59 0.20
CA SER A 52 9.09 -11.83 1.22
C SER A 52 8.49 -13.23 1.16
N TYR A 53 8.12 -13.72 -0.04
CA TYR A 53 7.50 -15.06 -0.10
C TYR A 53 8.51 -16.19 0.10
N PHE A 54 9.81 -15.90 -0.03
CA PHE A 54 10.83 -16.88 0.30
C PHE A 54 11.15 -16.95 1.78
N ASP A 55 11.21 -15.80 2.43
CA ASP A 55 11.88 -15.65 3.72
C ASP A 55 10.85 -15.53 4.83
N SER A 56 9.71 -14.95 4.49
CA SER A 56 8.59 -14.84 5.42
C SER A 56 7.40 -15.69 4.97
N TYR A 57 6.22 -15.34 5.46
CA TYR A 57 5.03 -16.14 5.27
C TYR A 57 5.23 -17.60 5.67
N GLN A 58 5.35 -17.82 6.98
CA GLN A 58 5.73 -19.13 7.48
C GLN A 58 6.99 -19.69 6.82
N ARG A 59 8.04 -18.85 6.79
CA ARG A 59 9.39 -19.26 6.42
C ARG A 59 9.41 -19.95 5.07
N GLY A 60 8.80 -19.33 4.07
CA GLY A 60 8.91 -19.85 2.71
C GLY A 60 7.96 -20.98 2.37
N ALA A 61 6.87 -21.14 3.14
CA ALA A 61 5.86 -22.15 2.88
C ALA A 61 5.35 -22.11 1.43
N PHE A 62 5.27 -20.91 0.89
CA PHE A 62 4.76 -20.78 -0.48
C PHE A 62 5.54 -21.64 -1.47
N MET A 63 6.86 -21.72 -1.28
CA MET A 63 7.70 -22.40 -2.24
C MET A 63 7.68 -23.92 -2.08
N ILE A 64 7.33 -24.41 -0.89
CA ILE A 64 6.99 -25.83 -0.70
C ILE A 64 5.83 -26.24 -1.59
N GLU A 65 4.76 -25.42 -1.63
CA GLU A 65 3.66 -25.75 -2.53
C GLU A 65 4.17 -25.74 -3.99
N ALA A 66 4.89 -24.70 -4.39
CA ALA A 66 5.36 -24.58 -5.80
C ALA A 66 6.20 -25.80 -6.20
N GLU A 67 7.09 -26.24 -5.31
CA GLU A 67 7.92 -27.41 -5.58
C GLU A 67 7.06 -28.66 -5.65
N ASN A 68 6.15 -28.82 -4.70
CA ASN A 68 5.31 -30.02 -4.66
C ASN A 68 4.44 -30.14 -5.91
N ARG A 69 3.95 -29.01 -6.41
CA ARG A 69 2.93 -29.05 -7.45
C ARG A 69 3.50 -28.63 -8.83
N GLY A 70 4.74 -28.16 -8.85
CA GLY A 70 5.45 -27.88 -10.10
C GLY A 70 5.15 -26.54 -10.74
N TYR A 71 5.18 -25.48 -9.94
CA TYR A 71 5.03 -24.13 -10.46
C TYR A 71 6.34 -23.40 -10.43
N ILE A 72 6.66 -22.64 -11.48
CA ILE A 72 7.68 -21.60 -11.41
C ILE A 72 7.01 -20.40 -10.73
N VAL A 73 7.68 -19.78 -9.75
CA VAL A 73 7.12 -18.60 -9.06
C VAL A 73 8.03 -17.40 -9.33
N ALA A 74 7.46 -16.26 -9.71
CA ALA A 74 8.20 -15.01 -9.75
C ALA A 74 7.65 -14.03 -8.77
N CYS A 75 8.53 -13.39 -8.03
CA CYS A 75 8.15 -12.41 -7.00
C CYS A 75 8.75 -11.06 -7.32
N PRO A 76 8.02 -10.20 -8.04
CA PRO A 76 8.54 -8.86 -8.36
C PRO A 76 8.76 -7.98 -7.11
N LYS A 77 9.67 -7.02 -7.22
CA LYS A 77 9.79 -6.00 -6.21
C LYS A 77 8.72 -4.95 -6.36
N GLY A 78 8.08 -4.60 -5.26
CA GLY A 78 6.81 -3.89 -5.30
C GLY A 78 6.98 -2.41 -5.03
N TYR A 85 0.96 -0.99 -6.88
CA TYR A 85 1.28 -1.70 -8.12
C TYR A 85 0.61 -1.06 -9.32
N VAL A 86 0.51 0.26 -9.28
CA VAL A 86 -0.09 1.04 -10.38
C VAL A 86 0.99 1.77 -11.19
N GLY A 87 0.67 2.09 -12.45
CA GLY A 87 1.58 2.83 -13.33
C GLY A 87 2.90 2.08 -13.54
N PRO A 88 4.04 2.76 -13.29
CA PRO A 88 5.32 2.10 -13.56
C PRO A 88 5.50 0.77 -12.81
N ALA A 89 5.07 0.69 -11.54
CA ALA A 89 5.03 -0.57 -10.80
C ALA A 89 4.29 -1.71 -11.50
N GLU A 90 3.14 -1.41 -12.09
CA GLU A 90 2.40 -2.38 -12.90
C GLU A 90 3.23 -2.82 -14.10
N ARG A 91 3.80 -1.86 -14.81
CA ARG A 91 4.60 -2.19 -15.98
C ARG A 91 5.79 -3.04 -15.59
N ASP A 92 6.36 -2.75 -14.42
CA ASP A 92 7.40 -3.62 -13.85
C ASP A 92 6.93 -5.07 -13.76
N VAL A 93 5.74 -5.27 -13.21
CA VAL A 93 5.24 -6.62 -13.11
C VAL A 93 5.08 -7.28 -14.47
N MET A 94 4.53 -6.55 -15.43
CA MET A 94 4.33 -7.18 -16.73
C MET A 94 5.63 -7.48 -17.41
N ASP A 95 6.63 -6.64 -17.16
CA ASP A 95 7.95 -6.86 -17.72
C ASP A 95 8.63 -8.09 -17.12
N VAL A 96 8.44 -8.31 -15.81
CA VAL A 96 8.90 -9.54 -15.19
C VAL A 96 8.26 -10.76 -15.81
N ILE A 97 6.95 -10.70 -16.07
CA ILE A 97 6.27 -11.81 -16.71
C ILE A 97 6.90 -12.09 -18.08
N ALA A 98 7.12 -11.03 -18.86
CA ALA A 98 7.59 -11.20 -20.23
C ALA A 98 9.00 -11.76 -20.21
N GLU A 99 9.83 -11.31 -19.28
CA GLU A 99 11.19 -11.87 -19.20
C GLU A 99 11.16 -13.36 -18.82
N VAL A 100 10.33 -13.73 -17.84
CA VAL A 100 10.26 -15.11 -17.45
C VAL A 100 9.76 -15.97 -18.62
N ARG A 101 8.79 -15.45 -19.39
CA ARG A 101 8.26 -16.22 -20.52
C ARG A 101 9.26 -16.37 -21.67
N ARG A 102 10.21 -15.43 -21.76
CA ARG A 102 11.37 -15.55 -22.67
C ARG A 102 12.34 -16.64 -22.20
N ASP A 103 12.63 -16.64 -20.90
CA ASP A 103 13.70 -17.45 -20.32
C ASP A 103 13.32 -18.89 -20.03
N TYR A 104 12.04 -19.12 -19.75
CA TYR A 104 11.54 -20.42 -19.35
C TYR A 104 10.40 -20.82 -20.27
N LYS A 105 10.11 -22.12 -20.34
CA LYS A 105 8.94 -22.60 -21.08
C LYS A 105 7.71 -22.47 -20.22
N ILE A 106 6.93 -21.44 -20.48
CA ILE A 106 5.75 -21.18 -19.66
C ILE A 106 4.47 -21.47 -20.46
N ASP A 107 3.57 -22.21 -19.86
CA ASP A 107 2.26 -22.52 -20.47
C ASP A 107 1.40 -21.25 -20.48
N PRO A 108 1.06 -20.72 -21.65
CA PRO A 108 0.36 -19.44 -21.76
C PRO A 108 -1.05 -19.49 -21.13
N ASP A 109 -1.58 -20.69 -20.96
CA ASP A 109 -2.90 -20.86 -20.36
C ASP A 109 -2.82 -21.10 -18.86
N ARG A 110 -1.60 -21.03 -18.32
CA ARG A 110 -1.42 -21.30 -16.87
C ARG A 110 -0.51 -20.28 -16.21
N ILE A 111 -0.86 -19.02 -16.36
CA ILE A 111 -0.22 -17.91 -15.69
C ILE A 111 -1.18 -17.33 -14.67
N TYR A 112 -0.76 -17.36 -13.42
CA TYR A 112 -1.61 -17.04 -12.26
C TYR A 112 -1.02 -15.86 -11.49
N MET A 113 -1.85 -15.20 -10.66
CA MET A 113 -1.34 -14.15 -9.82
C MET A 113 -2.04 -14.16 -8.48
N THR A 114 -1.26 -14.02 -7.41
CA THR A 114 -1.77 -13.90 -6.06
C THR A 114 -0.96 -12.83 -5.36
N GLY A 115 -1.46 -12.31 -4.26
CA GLY A 115 -0.69 -11.34 -3.50
C GLY A 115 -1.43 -10.96 -2.25
N HIS A 116 -0.70 -10.44 -1.29
CA HIS A 116 -1.24 -10.17 0.03
C HIS A 116 -1.18 -8.69 0.27
N SER A 117 -2.28 -8.14 0.78
CA SER A 117 -2.31 -6.76 1.28
C SER A 117 -2.15 -5.80 0.08
N MET A 118 -1.09 -5.00 0.04
CA MET A 118 -0.83 -4.22 -1.16
C MET A 118 -0.81 -5.09 -2.40
N GLY A 119 -0.30 -6.32 -2.23
CA GLY A 119 -0.25 -7.30 -3.34
C GLY A 119 -1.62 -7.83 -3.72
N GLY A 120 -2.59 -7.77 -2.80
CA GLY A 120 -3.95 -8.19 -3.12
C GLY A 120 -4.60 -7.12 -3.99
N TYR A 121 -4.36 -5.86 -3.61
CA TYR A 121 -4.77 -4.75 -4.48
C TYR A 121 -4.11 -4.85 -5.85
N GLY A 122 -2.83 -5.18 -5.86
CA GLY A 122 -2.12 -5.31 -7.12
C GLY A 122 -2.63 -6.44 -7.98
N THR A 123 -2.96 -7.56 -7.36
CA THR A 123 -3.51 -8.69 -8.13
C THR A 123 -4.74 -8.26 -8.93
N TRP A 124 -5.67 -7.60 -8.26
CA TRP A 124 -6.85 -7.13 -8.99
C TRP A 124 -6.54 -6.04 -10.00
N SER A 125 -5.78 -5.03 -9.59
CA SER A 125 -5.61 -3.89 -10.51
C SER A 125 -4.81 -4.26 -11.75
N ILE A 126 -3.78 -5.07 -11.59
CA ILE A 126 -3.00 -5.50 -12.75
C ILE A 126 -3.82 -6.35 -13.70
N ALA A 127 -4.59 -7.29 -13.15
CA ALA A 127 -5.42 -8.13 -13.98
C ALA A 127 -6.47 -7.29 -14.73
N MET A 128 -7.05 -6.29 -14.06
CA MET A 128 -8.05 -5.46 -14.78
C MET A 128 -7.44 -4.72 -15.96
N ASN A 129 -6.20 -4.34 -15.82
CA ASN A 129 -5.50 -3.69 -16.95
C ASN A 129 -4.96 -4.61 -18.05
N HIS A 130 -4.87 -5.89 -17.69
CA HIS A 130 -4.34 -6.90 -18.58
C HIS A 130 -5.21 -8.11 -18.44
N PRO A 131 -6.46 -8.01 -18.90
CA PRO A 131 -7.47 -9.00 -18.62
C PRO A 131 -7.27 -10.31 -19.36
N ASP A 132 -6.42 -10.32 -20.39
CA ASP A 132 -6.31 -11.48 -21.25
C ASP A 132 -5.13 -12.39 -20.91
N VAL A 133 -4.39 -12.04 -19.85
CA VAL A 133 -3.14 -12.76 -19.53
C VAL A 133 -3.33 -13.88 -18.52
N PHE A 134 -4.10 -13.62 -17.48
CA PHE A 134 -4.08 -14.48 -16.30
C PHE A 134 -5.16 -15.52 -16.31
N ALA A 135 -4.78 -16.73 -15.91
CA ALA A 135 -5.73 -17.85 -15.91
C ALA A 135 -6.67 -17.81 -14.72
N ALA A 136 -6.14 -17.39 -13.57
CA ALA A 136 -6.94 -17.29 -12.36
C ALA A 136 -6.17 -16.39 -11.38
N LEU A 137 -6.90 -15.84 -10.41
CA LEU A 137 -6.33 -14.86 -9.48
C LEU A 137 -6.65 -15.24 -8.05
N ALA A 138 -5.81 -14.82 -7.09
CA ALA A 138 -6.12 -15.03 -5.67
C ALA A 138 -5.64 -13.82 -4.85
N PRO A 139 -6.44 -12.75 -4.81
CA PRO A 139 -6.10 -11.63 -3.91
C PRO A 139 -6.41 -11.91 -2.44
N VAL A 140 -5.44 -11.61 -1.58
CA VAL A 140 -5.56 -11.88 -0.14
C VAL A 140 -5.46 -10.56 0.64
N ALA A 141 -6.51 -10.25 1.42
CA ALA A 141 -6.56 -9.04 2.26
C ALA A 141 -6.31 -7.78 1.44
N GLY A 142 -6.95 -7.77 0.27
CA GLY A 142 -6.87 -6.60 -0.63
C GLY A 142 -8.19 -5.92 -0.85
N GLY A 143 -8.31 -5.33 -2.03
CA GLY A 143 -9.45 -4.52 -2.37
C GLY A 143 -9.24 -3.95 -3.74
N GLY A 144 -10.16 -3.09 -4.16
CA GLY A 144 -9.98 -2.44 -5.46
C GLY A 144 -11.22 -1.69 -5.89
N ASN A 145 -11.38 -1.57 -7.21
CA ASN A 145 -12.48 -0.81 -7.79
C ASN A 145 -13.53 -1.81 -8.21
N PRO A 146 -14.62 -1.85 -7.46
CA PRO A 146 -15.61 -2.89 -7.81
C PRO A 146 -16.17 -2.75 -9.24
N LEU A 147 -16.19 -1.52 -9.76
CA LEU A 147 -16.64 -1.31 -11.14
C LEU A 147 -15.79 -1.93 -12.24
N GLY A 148 -14.59 -2.42 -11.90
CA GLY A 148 -13.74 -3.10 -12.85
C GLY A 148 -13.91 -4.62 -12.88
N MET A 149 -14.76 -5.15 -12.03
CA MET A 149 -14.92 -6.59 -11.95
C MET A 149 -15.53 -7.18 -13.25
N ALA A 150 -16.34 -6.40 -13.99
CA ALA A 150 -16.88 -6.94 -15.21
C ALA A 150 -15.79 -7.31 -16.26
N ASN A 151 -14.70 -6.54 -16.21
CA ASN A 151 -13.51 -6.67 -17.08
C ASN A 151 -12.85 -8.03 -16.94
N ILE A 152 -12.99 -8.62 -15.75
CA ILE A 152 -12.26 -9.85 -15.39
C ILE A 152 -13.24 -10.96 -14.98
N ALA A 153 -14.50 -10.84 -15.40
CA ALA A 153 -15.50 -11.84 -15.03
C ALA A 153 -15.22 -13.23 -15.61
N HIS A 154 -14.42 -13.30 -16.68
CA HIS A 154 -14.01 -14.57 -17.22
C HIS A 154 -12.84 -15.22 -16.50
N ILE A 155 -12.29 -14.53 -15.50
CA ILE A 155 -11.13 -15.07 -14.75
C ILE A 155 -11.59 -15.59 -13.39
N PRO A 156 -11.45 -16.90 -13.15
CA PRO A 156 -11.90 -17.44 -11.84
C PRO A 156 -11.01 -16.88 -10.71
N GLN A 157 -11.66 -16.49 -9.62
CA GLN A 157 -10.98 -15.78 -8.57
C GLN A 157 -11.23 -16.47 -7.23
N LEU A 158 -10.18 -16.66 -6.45
CA LEU A 158 -10.26 -17.01 -5.05
C LEU A 158 -9.90 -15.81 -4.21
N VAL A 159 -10.82 -15.35 -3.38
CA VAL A 159 -10.63 -14.16 -2.59
C VAL A 159 -10.55 -14.57 -1.13
N VAL A 160 -9.53 -14.06 -0.40
CA VAL A 160 -9.36 -14.38 1.03
C VAL A 160 -9.31 -13.12 1.83
N HIS A 161 -10.08 -13.03 2.92
CA HIS A 161 -9.97 -11.85 3.78
C HIS A 161 -10.37 -12.24 5.17
N GLY A 162 -9.74 -11.62 6.15
CA GLY A 162 -10.13 -11.87 7.55
C GLY A 162 -11.17 -10.87 8.01
N ASP A 163 -12.18 -11.30 8.78
CA ASP A 163 -13.24 -10.35 9.20
C ASP A 163 -12.92 -9.46 10.37
N ASN A 164 -11.68 -9.54 10.83
CA ASN A 164 -11.21 -8.63 11.88
C ASN A 164 -9.91 -7.96 11.47
N ASP A 165 -9.81 -7.67 10.17
CA ASP A 165 -8.61 -7.03 9.62
C ASP A 165 -8.72 -5.53 9.89
N LYS A 166 -7.72 -5.00 10.64
CA LYS A 166 -7.74 -3.60 11.00
C LYS A 166 -6.99 -2.72 10.03
N THR A 167 -6.26 -3.35 9.11
CA THR A 167 -5.47 -2.58 8.14
C THR A 167 -6.28 -2.32 6.86
N VAL A 168 -6.86 -3.40 6.33
CA VAL A 168 -7.76 -3.30 5.16
C VAL A 168 -9.12 -3.88 5.62
N PRO A 169 -10.16 -3.04 5.75
CA PRO A 169 -11.46 -3.57 6.19
C PRO A 169 -11.95 -4.69 5.29
N VAL A 170 -12.51 -5.70 5.94
CA VAL A 170 -13.07 -6.84 5.23
C VAL A 170 -14.09 -6.40 4.16
N GLU A 171 -14.75 -5.26 4.38
CA GLU A 171 -15.67 -4.72 3.38
C GLU A 171 -15.00 -4.44 2.03
N ARG A 172 -13.66 -4.30 2.03
CA ARG A 172 -12.96 -4.06 0.75
C ARG A 172 -12.96 -5.31 -0.11
N SER A 173 -12.94 -6.52 0.49
CA SER A 173 -13.09 -7.71 -0.33
C SER A 173 -14.57 -7.98 -0.58
N ARG A 174 -15.41 -7.74 0.42
CA ARG A 174 -16.83 -8.09 0.25
C ARG A 174 -17.41 -7.36 -0.95
N VAL A 175 -17.08 -6.09 -1.13
CA VAL A 175 -17.69 -5.34 -2.24
C VAL A 175 -17.22 -5.86 -3.60
N MET A 176 -15.99 -6.39 -3.66
CA MET A 176 -15.47 -6.91 -4.91
C MET A 176 -16.13 -8.24 -5.26
N VAL A 177 -16.30 -9.10 -4.27
CA VAL A 177 -16.99 -10.38 -4.44
C VAL A 177 -18.44 -10.11 -4.87
N GLU A 178 -19.12 -9.16 -4.23
CA GLU A 178 -20.52 -8.82 -4.59
C GLU A 178 -20.59 -8.38 -6.05
N ALA A 179 -19.66 -7.51 -6.47
CA ALA A 179 -19.66 -7.06 -7.84
C ALA A 179 -19.35 -8.21 -8.80
N ALA A 180 -18.41 -9.06 -8.44
CA ALA A 180 -18.06 -10.19 -9.30
C ALA A 180 -19.30 -11.01 -9.65
N LYS A 181 -20.08 -11.29 -8.62
CA LYS A 181 -21.27 -12.14 -8.80
C LYS A 181 -22.31 -11.51 -9.73
N LYS A 182 -22.34 -10.16 -9.79
CA LYS A 182 -23.24 -9.46 -10.70
C LYS A 182 -22.84 -9.57 -12.16
N HIS A 183 -21.72 -10.22 -12.44
CA HIS A 183 -21.29 -10.42 -13.81
C HIS A 183 -21.00 -11.89 -14.11
N GLY A 184 -21.44 -12.80 -13.23
CA GLY A 184 -21.33 -14.24 -13.49
C GLY A 184 -19.93 -14.78 -13.35
N THR A 185 -19.13 -14.14 -12.49
CA THR A 185 -17.74 -14.62 -12.30
C THR A 185 -17.77 -15.95 -11.56
N GLU A 186 -16.83 -16.83 -11.89
CA GLU A 186 -16.57 -17.99 -11.05
C GLU A 186 -15.71 -17.54 -9.88
N ILE A 187 -16.25 -17.54 -8.68
CA ILE A 187 -15.57 -16.89 -7.56
C ILE A 187 -15.82 -17.72 -6.32
N LYS A 188 -14.78 -17.87 -5.53
CA LYS A 188 -14.86 -18.49 -4.22
C LYS A 188 -14.30 -17.52 -3.21
N TYR A 189 -15.03 -17.24 -2.16
CA TYR A 189 -14.58 -16.24 -1.21
C TYR A 189 -14.45 -16.95 0.13
N ILE A 190 -13.22 -16.91 0.64
CA ILE A 190 -12.89 -17.43 2.00
C ILE A 190 -12.79 -16.25 2.91
N GLU A 191 -13.84 -16.01 3.69
CA GLU A 191 -13.80 -14.98 4.72
C GLU A 191 -13.53 -15.67 6.06
N ILE A 192 -12.42 -15.31 6.71
CA ILE A 192 -11.98 -16.06 7.90
C ILE A 192 -12.42 -15.38 9.17
N PRO A 193 -13.36 -16.01 9.89
CA PRO A 193 -13.84 -15.38 11.12
C PRO A 193 -12.74 -15.17 12.15
N GLY A 194 -12.61 -13.92 12.58
CA GLY A 194 -11.52 -13.49 13.48
C GLY A 194 -10.19 -13.22 12.76
N GLY A 195 -10.13 -13.52 11.46
CA GLY A 195 -8.87 -13.28 10.71
C GLY A 195 -8.40 -11.83 10.72
N ASP A 196 -7.09 -11.67 10.91
CA ASP A 196 -6.52 -10.35 10.87
C ASP A 196 -5.75 -10.18 9.60
N HIS A 197 -5.06 -9.05 9.49
CA HIS A 197 -4.48 -8.68 8.20
C HIS A 197 -3.45 -9.68 7.72
N VAL A 198 -2.62 -10.19 8.63
CA VAL A 198 -1.49 -11.01 8.22
C VAL A 198 -1.74 -12.52 8.33
N SER A 199 -2.54 -12.94 9.32
CA SER A 199 -2.76 -14.39 9.61
C SER A 199 -3.32 -15.16 8.42
N VAL A 200 -4.10 -14.46 7.60
CA VAL A 200 -4.86 -15.15 6.58
C VAL A 200 -4.04 -15.59 5.40
N ALA A 201 -2.83 -15.04 5.23
CA ALA A 201 -2.05 -15.28 4.01
C ALA A 201 -1.43 -16.68 3.94
N ALA A 202 -0.49 -16.97 4.83
CA ALA A 202 0.11 -18.32 4.77
C ALA A 202 -0.92 -19.42 5.05
N ARG A 203 -1.93 -19.13 5.88
CA ARG A 203 -3.05 -20.05 6.19
C ARG A 203 -3.72 -20.60 4.91
N THR A 204 -3.77 -19.76 3.87
CA THR A 204 -4.54 -20.12 2.68
C THR A 204 -3.66 -20.42 1.45
N PHE A 205 -2.35 -20.54 1.62
CA PHE A 205 -1.52 -20.94 0.48
C PHE A 205 -2.02 -22.22 -0.16
N LYS A 206 -2.48 -23.17 0.65
CA LYS A 206 -2.99 -24.42 0.07
C LYS A 206 -4.21 -24.18 -0.79
N ASP A 207 -5.11 -23.31 -0.31
CA ASP A 207 -6.32 -23.02 -1.05
C ASP A 207 -5.98 -22.29 -2.36
N VAL A 208 -5.01 -21.40 -2.30
CA VAL A 208 -4.58 -20.68 -3.54
C VAL A 208 -4.04 -21.65 -4.60
N PHE A 209 -3.13 -22.55 -4.20
CA PHE A 209 -2.59 -23.51 -5.16
C PHE A 209 -3.65 -24.50 -5.61
N ASP A 210 -4.57 -24.88 -4.72
CA ASP A 210 -5.69 -25.74 -5.14
C ASP A 210 -6.48 -25.05 -6.25
N TRP A 211 -6.73 -23.75 -6.09
CA TRP A 211 -7.47 -22.97 -7.09
C TRP A 211 -6.73 -22.90 -8.41
N PHE A 212 -5.42 -22.74 -8.36
CA PHE A 212 -4.65 -22.62 -9.61
C PHE A 212 -4.52 -24.00 -10.29
N ASP A 213 -4.45 -25.04 -9.47
CA ASP A 213 -4.38 -26.42 -10.01
C ASP A 213 -5.64 -26.78 -10.80
N SER A 214 -6.76 -26.19 -10.46
CA SER A 214 -8.06 -26.58 -11.01
C SER A 214 -8.64 -25.62 -12.04
N HIS A 215 -7.86 -24.60 -12.41
CA HIS A 215 -8.34 -23.63 -13.39
C HIS A 215 -7.27 -23.32 -14.40
N LYS A 216 -7.63 -23.34 -15.66
CA LYS A 216 -6.76 -22.87 -16.73
C LYS A 216 -7.45 -21.73 -17.44
N ARG A 217 -6.68 -20.94 -18.17
CA ARG A 217 -7.19 -19.70 -18.80
C ARG A 217 -8.33 -19.97 -19.79
N LYS A 218 -9.41 -19.21 -19.64
CA LYS A 218 -10.50 -19.16 -20.58
C LYS A 218 -10.32 -17.97 -21.47
N ARG A 219 -10.47 -18.23 -22.77
CA ARG A 219 -10.42 -17.15 -23.76
C ARG A 219 -11.74 -17.13 -24.53
N PRO A 220 -12.86 -16.86 -23.81
CA PRO A 220 -14.16 -16.81 -24.50
C PRO A 220 -14.24 -15.63 -25.48
N PRO B 22 -8.96 14.42 -6.85
CA PRO B 22 -9.94 14.71 -5.79
C PRO B 22 -9.29 14.73 -4.42
N TYR B 23 -9.84 15.58 -3.57
CA TYR B 23 -9.41 15.66 -2.17
C TYR B 23 -10.55 16.26 -1.38
N ARG B 24 -10.43 16.19 -0.07
CA ARG B 24 -11.41 16.80 0.79
C ARG B 24 -10.72 17.74 1.76
N LEU B 25 -11.29 18.93 1.94
CA LEU B 25 -10.63 20.01 2.68
C LEU B 25 -11.33 20.29 3.99
N TYR B 26 -10.55 20.55 5.03
CA TYR B 26 -11.09 21.14 6.26
C TYR B 26 -10.57 22.55 6.38
N VAL B 27 -11.48 23.49 6.63
CA VAL B 27 -11.11 24.89 6.78
C VAL B 27 -11.56 25.35 8.17
N PRO B 28 -10.61 25.72 9.06
CA PRO B 28 -11.03 26.19 10.38
C PRO B 28 -12.03 27.33 10.36
N THR B 29 -12.89 27.37 11.38
CA THR B 29 -13.90 28.44 11.43
C THR B 29 -13.29 29.82 11.71
N THR B 30 -12.00 29.87 12.06
CA THR B 30 -11.24 31.10 12.29
C THR B 30 -10.60 31.67 11.01
N TYR B 31 -10.70 30.93 9.91
CA TYR B 31 -10.14 31.39 8.65
C TYR B 31 -11.13 32.39 8.03
N ASP B 32 -10.66 33.63 7.81
CA ASP B 32 -11.53 34.65 7.22
C ASP B 32 -10.92 35.23 5.97
N GLY B 33 -9.88 34.59 5.47
CA GLY B 33 -9.26 35.02 4.23
C GLY B 33 -8.44 36.28 4.28
N THR B 34 -8.24 36.83 5.47
CA THR B 34 -7.36 37.99 5.64
C THR B 34 -5.92 37.62 6.02
N LYS B 35 -5.69 36.35 6.36
CA LYS B 35 -4.46 35.98 7.03
C LYS B 35 -4.10 34.63 6.43
N ALA B 36 -2.84 34.46 6.00
CA ALA B 36 -2.36 33.19 5.45
C ALA B 36 -2.40 32.13 6.56
N PHE B 37 -2.85 30.92 6.21
CA PHE B 37 -2.92 29.81 7.15
C PHE B 37 -1.91 28.75 6.75
N PRO B 38 -1.48 27.95 7.74
CA PRO B 38 -0.71 26.77 7.42
C PRO B 38 -1.61 25.69 6.82
N LEU B 39 -1.00 24.76 6.08
CA LEU B 39 -1.71 23.72 5.36
C LEU B 39 -1.07 22.40 5.73
N VAL B 40 -1.90 21.42 6.09
CA VAL B 40 -1.41 20.04 6.25
C VAL B 40 -2.02 19.15 5.18
N ILE B 41 -1.16 18.41 4.49
CA ILE B 41 -1.57 17.32 3.64
C ILE B 41 -1.54 16.05 4.47
N ALA B 42 -2.69 15.37 4.59
CA ALA B 42 -2.82 14.12 5.37
C ALA B 42 -3.19 12.97 4.47
N LEU B 43 -2.32 11.98 4.41
CA LEU B 43 -2.44 10.87 3.45
C LEU B 43 -2.94 9.60 4.14
N HIS B 44 -4.07 9.09 3.66
CA HIS B 44 -4.68 7.85 4.18
C HIS B 44 -3.90 6.59 3.93
N GLY B 45 -4.39 5.53 4.55
CA GLY B 45 -3.86 4.17 4.27
C GLY B 45 -4.49 3.43 3.09
N MET B 46 -4.03 2.19 2.86
CA MET B 46 -4.43 1.44 1.67
C MET B 46 -5.93 1.34 1.50
N GLY B 47 -6.64 1.11 2.60
CA GLY B 47 -8.10 0.93 2.49
C GLY B 47 -8.89 2.24 2.39
N GLY B 48 -8.21 3.38 2.54
CA GLY B 48 -8.95 4.59 2.82
C GLY B 48 -9.21 5.45 1.61
N ASP B 49 -9.73 6.65 1.89
CA ASP B 49 -10.01 7.61 0.85
C ASP B 49 -9.96 8.99 1.46
N GLU B 50 -10.43 9.98 0.71
CA GLU B 50 -10.33 11.39 1.14
C GLU B 50 -11.18 11.66 2.38
N ASN B 51 -12.02 10.70 2.77
CA ASN B 51 -12.82 10.85 4.00
C ASN B 51 -12.19 10.28 5.25
N SER B 52 -11.12 9.48 5.08
CA SER B 52 -10.61 8.72 6.23
C SER B 52 -10.25 9.56 7.45
N TYR B 53 -9.48 10.62 7.28
CA TYR B 53 -9.08 11.45 8.43
C TYR B 53 -10.24 12.23 9.02
N PHE B 54 -11.37 12.24 8.32
CA PHE B 54 -12.51 12.98 8.79
C PHE B 54 -13.46 12.10 9.62
N ASP B 55 -13.53 10.83 9.27
CA ASP B 55 -14.56 9.94 9.79
C ASP B 55 -13.94 8.86 10.65
N SER B 56 -12.68 8.58 10.41
CA SER B 56 -11.97 7.55 11.14
C SER B 56 -10.85 8.19 11.91
N TYR B 57 -9.94 7.39 12.42
CA TYR B 57 -8.90 7.88 13.35
C TYR B 57 -9.48 8.63 14.54
N GLN B 58 -10.21 7.91 15.39
CA GLN B 58 -10.94 8.48 16.51
C GLN B 58 -11.91 9.55 16.03
N ARG B 59 -12.73 9.14 15.07
CA ARG B 59 -13.89 9.90 14.61
C ARG B 59 -13.51 11.32 14.23
N GLY B 60 -12.46 11.45 13.45
CA GLY B 60 -12.10 12.80 12.99
C GLY B 60 -11.34 13.64 13.99
N ALA B 61 -10.70 12.99 14.98
CA ALA B 61 -9.86 13.72 15.92
C ALA B 61 -8.81 14.63 15.28
N PHE B 62 -8.36 14.28 14.08
CA PHE B 62 -7.37 15.12 13.41
C PHE B 62 -7.95 16.50 13.17
N MET B 63 -9.21 16.55 12.76
CA MET B 63 -9.80 17.84 12.39
C MET B 63 -10.15 18.72 13.57
N ILE B 64 -10.39 18.09 14.72
CA ILE B 64 -10.53 18.88 15.97
C ILE B 64 -9.20 19.58 16.27
N GLU B 65 -8.06 18.88 16.09
CA GLU B 65 -6.75 19.52 16.27
C GLU B 65 -6.60 20.64 15.30
N ALA B 66 -6.95 20.40 14.05
CA ALA B 66 -6.79 21.42 13.04
C ALA B 66 -7.65 22.65 13.34
N GLU B 67 -8.87 22.45 13.81
CA GLU B 67 -9.73 23.57 14.22
C GLU B 67 -9.14 24.35 15.39
N ASN B 68 -8.66 23.62 16.39
CA ASN B 68 -8.13 24.28 17.57
C ASN B 68 -6.84 25.05 17.33
N ARG B 69 -6.01 24.55 16.41
CA ARG B 69 -4.71 25.12 16.16
C ARG B 69 -4.64 26.00 14.91
N GLY B 70 -5.71 26.00 14.10
CA GLY B 70 -5.73 26.88 12.94
C GLY B 70 -5.04 26.36 11.67
N TYR B 71 -5.26 25.09 11.36
CA TYR B 71 -4.67 24.52 10.13
C TYR B 71 -5.76 24.18 9.11
N ILE B 72 -5.58 24.62 7.86
CA ILE B 72 -6.30 23.99 6.76
C ILE B 72 -5.72 22.63 6.52
N VAL B 73 -6.59 21.64 6.28
CA VAL B 73 -6.15 20.26 6.06
C VAL B 73 -6.72 19.76 4.74
N ALA B 74 -5.84 19.25 3.88
CA ALA B 74 -6.34 18.59 2.67
C ALA B 74 -6.00 17.13 2.67
N CYS B 75 -7.00 16.33 2.37
CA CYS B 75 -6.87 14.86 2.35
C CYS B 75 -7.06 14.35 0.92
N PRO B 76 -5.96 14.00 0.21
CA PRO B 76 -6.13 13.56 -1.17
C PRO B 76 -6.78 12.20 -1.19
N LYS B 77 -7.48 11.91 -2.27
CA LYS B 77 -7.87 10.56 -2.52
C LYS B 77 -6.70 9.80 -3.13
N GLY B 78 -6.30 8.71 -2.50
CA GLY B 78 -5.27 7.82 -3.06
C GLY B 78 -5.73 7.23 -4.37
N TYR B 85 1.43 5.61 -3.61
CA TYR B 85 1.56 7.03 -3.98
C TYR B 85 2.70 7.28 -4.98
N VAL B 86 2.94 6.31 -5.87
CA VAL B 86 4.02 6.43 -6.85
C VAL B 86 3.51 6.94 -8.19
N GLY B 87 4.39 7.66 -8.90
CA GLY B 87 4.11 8.11 -10.26
C GLY B 87 3.13 9.28 -10.30
N PRO B 88 2.16 9.24 -11.24
CA PRO B 88 1.21 10.35 -11.33
C PRO B 88 0.19 10.32 -10.18
N ALA B 89 0.21 9.26 -9.37
CA ALA B 89 -0.39 9.32 -8.02
C ALA B 89 0.39 10.27 -7.10
N GLU B 90 1.64 10.55 -7.45
CA GLU B 90 2.43 11.51 -6.69
C GLU B 90 2.20 12.97 -7.12
N ARG B 91 2.28 13.23 -8.42
CA ARG B 91 2.06 14.57 -8.97
C ARG B 91 0.73 15.12 -8.44
N ASP B 92 -0.15 14.20 -8.12
CA ASP B 92 -1.44 14.50 -7.52
C ASP B 92 -1.30 15.38 -6.28
N VAL B 93 -0.30 15.15 -5.42
CA VAL B 93 -0.18 15.99 -4.21
C VAL B 93 0.24 17.45 -4.44
N MET B 94 1.21 17.67 -5.32
CA MET B 94 1.55 19.04 -5.64
C MET B 94 0.25 19.62 -6.17
N ASP B 95 -0.52 18.83 -6.95
CA ASP B 95 -1.75 19.41 -7.59
C ASP B 95 -2.78 19.76 -6.52
N VAL B 96 -2.93 18.91 -5.50
CA VAL B 96 -3.80 19.26 -4.38
C VAL B 96 -3.33 20.55 -3.73
N ILE B 97 -2.03 20.66 -3.41
CA ILE B 97 -1.51 21.87 -2.81
C ILE B 97 -1.77 23.08 -3.72
N ALA B 98 -1.53 22.90 -5.02
CA ALA B 98 -1.75 24.03 -5.94
C ALA B 98 -3.20 24.49 -6.01
N GLU B 99 -4.12 23.53 -6.05
CA GLU B 99 -5.55 23.89 -6.12
C GLU B 99 -5.98 24.61 -4.84
N VAL B 100 -5.53 24.09 -3.69
CA VAL B 100 -5.88 24.74 -2.42
C VAL B 100 -5.31 26.18 -2.37
N ARG B 101 -4.06 26.35 -2.81
CA ARG B 101 -3.46 27.70 -2.84
C ARG B 101 -4.13 28.69 -3.78
N ARG B 102 -4.77 28.19 -4.82
CA ARG B 102 -5.59 29.03 -5.68
C ARG B 102 -6.74 29.70 -4.93
N ASP B 103 -7.34 28.92 -4.02
CA ASP B 103 -8.71 29.06 -3.46
C ASP B 103 -8.49 29.77 -2.05
N TYR B 104 -7.38 29.45 -1.38
CA TYR B 104 -7.17 29.80 0.05
C TYR B 104 -5.81 30.44 0.22
N LYS B 105 -5.71 31.34 1.20
CA LYS B 105 -4.43 32.01 1.49
C LYS B 105 -3.58 31.08 2.37
N ILE B 106 -2.56 30.49 1.76
CA ILE B 106 -1.69 29.52 2.46
C ILE B 106 -0.29 30.14 2.62
N ASP B 107 0.28 30.05 3.83
CA ASP B 107 1.66 30.45 4.07
C ASP B 107 2.63 29.43 3.45
N PRO B 108 3.37 29.80 2.38
CA PRO B 108 4.19 28.81 1.67
C PRO B 108 5.29 28.19 2.53
N ASP B 109 5.61 28.85 3.65
CA ASP B 109 6.63 28.34 4.58
C ASP B 109 6.04 27.41 5.64
N ARG B 110 4.74 27.15 5.54
CA ARG B 110 4.07 26.30 6.56
C ARG B 110 3.16 25.31 5.83
N ILE B 111 3.75 24.55 4.91
CA ILE B 111 3.04 23.45 4.24
C ILE B 111 3.61 22.13 4.73
N TYR B 112 2.79 21.33 5.41
CA TYR B 112 3.26 20.12 6.12
C TYR B 112 2.65 18.90 5.51
N MET B 113 3.20 17.72 5.83
CA MET B 113 2.62 16.47 5.39
C MET B 113 2.77 15.40 6.41
N THR B 114 1.68 14.65 6.59
CA THR B 114 1.67 13.47 7.44
C THR B 114 0.80 12.41 6.80
N GLY B 115 0.90 11.20 7.31
CA GLY B 115 0.14 10.11 6.74
C GLY B 115 0.41 8.84 7.46
N HIS B 116 -0.50 7.91 7.33
CA HIS B 116 -0.47 6.65 8.07
C HIS B 116 -0.36 5.52 7.12
N SER B 117 0.54 4.59 7.45
CA SER B 117 0.64 3.28 6.77
C SER B 117 1.10 3.52 5.32
N MET B 118 0.25 3.21 4.32
CA MET B 118 0.57 3.60 2.93
C MET B 118 0.84 5.11 2.81
N GLY B 119 0.14 5.89 3.63
CA GLY B 119 0.33 7.33 3.67
C GLY B 119 1.62 7.75 4.33
N GLY B 120 2.13 6.90 5.23
CA GLY B 120 3.47 7.11 5.82
C GLY B 120 4.54 6.93 4.76
N TYR B 121 4.44 5.85 3.98
CA TYR B 121 5.28 5.69 2.81
C TYR B 121 5.17 6.88 1.88
N GLY B 122 3.94 7.33 1.61
CA GLY B 122 3.74 8.45 0.70
C GLY B 122 4.35 9.75 1.22
N THR B 123 4.33 9.97 2.54
CA THR B 123 4.86 11.20 3.10
C THR B 123 6.32 11.33 2.77
N TRP B 124 7.02 10.21 2.88
CA TRP B 124 8.45 10.22 2.60
C TRP B 124 8.72 10.25 1.10
N SER B 125 8.00 9.45 0.31
CA SER B 125 8.35 9.39 -1.14
C SER B 125 7.99 10.68 -1.88
N ILE B 126 6.87 11.28 -1.51
CA ILE B 126 6.50 12.55 -2.11
C ILE B 126 7.42 13.70 -1.72
N ALA B 127 7.81 13.80 -0.45
CA ALA B 127 8.77 14.83 -0.05
C ALA B 127 10.12 14.61 -0.75
N MET B 128 10.55 13.36 -0.90
CA MET B 128 11.83 13.12 -1.61
C MET B 128 11.79 13.59 -3.04
N ASN B 129 10.62 13.54 -3.64
CA ASN B 129 10.51 14.02 -5.02
C ASN B 129 10.28 15.54 -5.16
N HIS B 130 9.89 16.18 -4.06
CA HIS B 130 9.61 17.61 -4.01
C HIS B 130 10.25 18.26 -2.78
N PRO B 131 11.57 18.19 -2.66
CA PRO B 131 12.24 18.39 -1.39
C PRO B 131 12.20 19.81 -0.89
N ASP B 132 11.81 20.75 -1.74
CA ASP B 132 11.80 22.12 -1.32
C ASP B 132 10.44 22.69 -0.92
N VAL B 133 9.40 21.83 -0.89
CA VAL B 133 8.04 22.28 -0.67
C VAL B 133 7.67 22.30 0.83
N PHE B 134 8.04 21.24 1.55
CA PHE B 134 7.43 21.02 2.86
C PHE B 134 8.29 21.55 4.02
N ALA B 135 7.60 22.12 4.99
CA ALA B 135 8.22 22.68 6.18
C ALA B 135 8.62 21.60 7.18
N ALA B 136 7.81 20.55 7.28
CA ALA B 136 8.08 19.42 8.18
C ALA B 136 7.24 18.26 7.75
N LEU B 137 7.67 17.05 8.13
CA LEU B 137 6.95 15.81 7.75
C LEU B 137 6.70 14.98 8.99
N ALA B 138 5.70 14.11 8.93
CA ALA B 138 5.40 13.20 10.05
C ALA B 138 4.82 11.89 9.48
N PRO B 139 5.67 11.00 9.03
CA PRO B 139 5.23 9.67 8.63
C PRO B 139 4.94 8.70 9.76
N VAL B 140 3.76 8.09 9.75
CA VAL B 140 3.30 7.22 10.84
C VAL B 140 3.12 5.79 10.33
N ALA B 141 3.81 4.83 10.96
CA ALA B 141 3.75 3.42 10.61
C ALA B 141 4.06 3.20 9.12
N GLY B 142 5.08 3.93 8.65
CA GLY B 142 5.50 3.89 7.26
C GLY B 142 6.88 3.32 7.07
N GLY B 143 7.53 3.81 6.01
CA GLY B 143 8.86 3.32 5.64
C GLY B 143 9.25 3.97 4.34
N GLY B 144 10.34 3.50 3.75
CA GLY B 144 10.71 4.01 2.46
C GLY B 144 12.10 3.56 2.10
N ASN B 145 12.72 4.38 1.27
CA ASN B 145 14.05 4.11 0.74
C ASN B 145 15.03 4.94 1.55
N PRO B 146 15.77 4.29 2.47
CA PRO B 146 16.67 5.07 3.32
C PRO B 146 17.71 5.91 2.57
N LEU B 147 18.05 5.51 1.35
CA LEU B 147 18.96 6.26 0.49
C LEU B 147 18.40 7.62 0.05
N GLY B 148 17.08 7.74 0.09
CA GLY B 148 16.44 9.01 -0.25
C GLY B 148 16.49 10.01 0.89
N MET B 149 16.91 9.59 2.07
CA MET B 149 16.88 10.49 3.21
C MET B 149 17.84 11.67 3.08
N ALA B 150 18.93 11.51 2.34
CA ALA B 150 19.83 12.62 2.12
C ALA B 150 19.12 13.82 1.47
N ASN B 151 18.15 13.53 0.59
CA ASN B 151 17.42 14.54 -0.22
C ASN B 151 16.67 15.50 0.68
N ILE B 152 16.26 15.00 1.82
CA ILE B 152 15.34 15.74 2.66
C ILE B 152 15.92 16.01 4.05
N ALA B 153 17.24 15.93 4.16
CA ALA B 153 17.86 16.12 5.48
C ALA B 153 17.65 17.52 6.08
N HIS B 154 17.31 18.49 5.23
CA HIS B 154 17.02 19.84 5.68
C HIS B 154 15.60 19.99 6.24
N ILE B 155 14.81 18.91 6.13
CA ILE B 155 13.39 18.99 6.55
C ILE B 155 13.25 18.30 7.91
N PRO B 156 12.74 19.02 8.91
CA PRO B 156 12.56 18.40 10.21
C PRO B 156 11.47 17.31 10.19
N GLN B 157 11.76 16.15 10.77
CA GLN B 157 10.87 15.01 10.60
C GLN B 157 10.51 14.40 11.92
N LEU B 158 9.21 14.13 12.13
CA LEU B 158 8.71 13.36 13.26
C LEU B 158 8.27 12.00 12.75
N VAL B 159 8.88 10.93 13.24
CA VAL B 159 8.50 9.58 12.83
C VAL B 159 7.83 8.87 13.98
N VAL B 160 6.72 8.17 13.72
CA VAL B 160 5.99 7.42 14.74
C VAL B 160 5.83 6.00 14.28
N HIS B 161 6.05 5.04 15.16
CA HIS B 161 5.86 3.61 14.81
C HIS B 161 5.62 2.80 16.09
N GLY B 162 4.72 1.82 16.02
CA GLY B 162 4.51 0.90 17.14
C GLY B 162 5.46 -0.28 17.06
N ASP B 163 6.03 -0.69 18.20
CA ASP B 163 7.01 -1.76 18.16
C ASP B 163 6.40 -3.17 18.08
N ASN B 164 5.08 -3.27 18.06
CA ASN B 164 4.37 -4.54 17.80
C ASN B 164 3.53 -4.47 16.53
N ASP B 165 3.97 -3.69 15.55
CA ASP B 165 3.25 -3.53 14.28
C ASP B 165 3.48 -4.75 13.40
N LYS B 166 2.39 -5.37 12.94
CA LYS B 166 2.49 -6.62 12.18
C LYS B 166 2.25 -6.43 10.71
N THR B 167 1.81 -5.24 10.33
CA THR B 167 1.68 -4.94 8.92
C THR B 167 2.97 -4.37 8.37
N VAL B 168 3.52 -3.38 9.08
CA VAL B 168 4.79 -2.78 8.67
C VAL B 168 5.74 -2.90 9.83
N PRO B 169 6.77 -3.74 9.69
CA PRO B 169 7.66 -3.96 10.81
C PRO B 169 8.22 -2.63 11.31
N VAL B 170 8.40 -2.55 12.63
CA VAL B 170 8.92 -1.31 13.27
C VAL B 170 10.30 -1.03 12.73
N GLU B 171 11.02 -2.05 12.27
CA GLU B 171 12.31 -1.85 11.64
C GLU B 171 12.29 -0.93 10.40
N ARG B 172 11.13 -0.80 9.74
CA ARG B 172 11.02 0.05 8.56
C ARG B 172 11.14 1.54 8.91
N SER B 173 10.65 1.92 10.09
CA SER B 173 10.89 3.28 10.58
C SER B 173 12.31 3.41 11.14
N ARG B 174 12.74 2.39 11.86
CA ARG B 174 14.02 2.49 12.56
C ARG B 174 15.14 2.74 11.55
N VAL B 175 15.08 2.06 10.39
CA VAL B 175 16.12 2.24 9.37
C VAL B 175 16.11 3.63 8.74
N MET B 176 14.92 4.25 8.69
CA MET B 176 14.84 5.56 8.10
C MET B 176 15.42 6.57 9.09
N VAL B 177 15.09 6.40 10.36
CA VAL B 177 15.61 7.28 11.42
C VAL B 177 17.14 7.19 11.49
N GLU B 178 17.65 5.96 11.44
CA GLU B 178 19.12 5.75 11.33
C GLU B 178 19.72 6.50 10.15
N ALA B 179 19.08 6.44 8.98
CA ALA B 179 19.57 7.09 7.80
C ALA B 179 19.50 8.60 7.91
N ALA B 180 18.45 9.09 8.55
CA ALA B 180 18.30 10.52 8.73
C ALA B 180 19.48 11.07 9.53
N LYS B 181 19.91 10.30 10.52
CA LYS B 181 20.97 10.76 11.43
C LYS B 181 22.30 10.83 10.71
N LYS B 182 22.52 9.95 9.73
CA LYS B 182 23.73 10.01 8.87
C LYS B 182 23.90 11.34 8.18
N HIS B 183 22.79 11.97 7.85
CA HIS B 183 22.83 13.18 7.04
C HIS B 183 22.51 14.45 7.84
N GLY B 184 22.57 14.32 9.16
CA GLY B 184 22.42 15.46 10.06
C GLY B 184 21.01 16.05 10.12
N THR B 185 20.03 15.16 9.97
CA THR B 185 18.63 15.59 9.97
C THR B 185 18.15 15.93 11.39
N GLU B 186 17.29 16.94 11.48
CA GLU B 186 16.54 17.15 12.73
C GLU B 186 15.41 16.16 12.73
N ILE B 187 15.49 15.17 13.60
CA ILE B 187 14.52 14.07 13.61
C ILE B 187 14.13 13.66 15.00
N LYS B 188 12.83 13.47 15.20
CA LYS B 188 12.34 12.96 16.46
C LYS B 188 11.63 11.67 16.12
N TYR B 189 11.87 10.65 16.91
CA TYR B 189 11.24 9.34 16.70
C TYR B 189 10.46 8.93 17.94
N ILE B 190 9.18 8.72 17.77
CA ILE B 190 8.34 8.18 18.83
C ILE B 190 7.97 6.73 18.57
N GLU B 191 8.62 5.84 19.29
CA GLU B 191 8.34 4.39 19.20
C GLU B 191 7.47 3.97 20.36
N ILE B 192 6.30 3.41 20.07
CA ILE B 192 5.27 3.19 21.07
C ILE B 192 5.37 1.73 21.50
N PRO B 193 5.66 1.52 22.78
CA PRO B 193 5.78 0.12 23.22
C PRO B 193 4.41 -0.57 23.19
N GLY B 194 4.37 -1.73 22.54
CA GLY B 194 3.10 -2.44 22.39
C GLY B 194 2.23 -1.87 21.26
N GLY B 195 2.69 -0.79 20.64
CA GLY B 195 1.90 -0.15 19.58
C GLY B 195 1.68 -1.12 18.42
N ASP B 196 0.44 -1.13 17.91
CA ASP B 196 0.15 -1.85 16.69
C ASP B 196 0.10 -0.97 15.46
N HIS B 197 -0.34 -1.51 14.32
CA HIS B 197 -0.23 -0.78 13.05
C HIS B 197 -1.15 0.43 13.06
N VAL B 198 -2.32 0.31 13.69
CA VAL B 198 -3.37 1.33 13.62
C VAL B 198 -3.37 2.33 14.79
N SER B 199 -3.23 1.84 16.03
CA SER B 199 -3.50 2.67 17.23
C SER B 199 -2.61 3.91 17.22
N VAL B 200 -1.40 3.76 16.65
CA VAL B 200 -0.39 4.77 16.87
C VAL B 200 -0.73 6.09 16.15
N ALA B 201 -1.62 6.01 15.16
CA ALA B 201 -1.93 7.20 14.41
C ALA B 201 -2.71 8.21 15.24
N ALA B 202 -3.92 7.84 15.68
CA ALA B 202 -4.68 8.84 16.43
C ALA B 202 -4.01 9.18 17.76
N ARG B 203 -3.26 8.23 18.30
CA ARG B 203 -2.64 8.51 19.59
C ARG B 203 -1.55 9.54 19.51
N THR B 204 -0.99 9.77 18.32
CA THR B 204 0.09 10.73 18.16
C THR B 204 -0.30 11.96 17.32
N PHE B 205 -1.59 12.18 17.13
CA PHE B 205 -1.98 13.45 16.44
C PHE B 205 -1.51 14.69 17.20
N LYS B 206 -1.59 14.68 18.55
CA LYS B 206 -1.06 15.83 19.32
C LYS B 206 0.43 16.09 18.98
N ASP B 207 1.20 15.01 18.94
CA ASP B 207 2.62 15.13 18.63
C ASP B 207 2.88 15.68 17.25
N VAL B 208 2.10 15.20 16.29
CA VAL B 208 2.26 15.64 14.89
C VAL B 208 1.97 17.14 14.82
N PHE B 209 0.87 17.58 15.42
CA PHE B 209 0.60 19.01 15.40
C PHE B 209 1.61 19.83 16.19
N ASP B 210 2.09 19.30 17.32
CA ASP B 210 3.13 20.03 18.03
C ASP B 210 4.37 20.20 17.14
N TRP B 211 4.75 19.16 16.39
CA TRP B 211 5.91 19.25 15.47
C TRP B 211 5.71 20.31 14.40
N PHE B 212 4.49 20.37 13.87
CA PHE B 212 4.26 21.34 12.83
C PHE B 212 4.20 22.76 13.41
N ASP B 213 3.65 22.89 14.62
CA ASP B 213 3.51 24.19 15.29
C ASP B 213 4.90 24.78 15.51
N SER B 214 5.93 23.93 15.60
CA SER B 214 7.25 24.40 16.06
C SER B 214 8.28 24.43 14.96
N HIS B 215 7.87 24.16 13.72
CA HIS B 215 8.79 24.19 12.58
C HIS B 215 8.18 24.89 11.40
N LYS B 216 8.97 25.77 10.79
CA LYS B 216 8.60 26.48 9.57
C LYS B 216 9.72 26.27 8.55
N ARG B 217 9.41 26.38 7.27
CA ARG B 217 10.39 26.22 6.20
C ARG B 217 11.37 27.40 6.25
N LYS B 218 12.66 27.08 6.18
CA LYS B 218 13.75 28.06 6.34
C LYS B 218 14.20 28.51 4.97
#